data_8QA9
#
_entry.id   8QA9
#
_cell.length_a   173.253
_cell.length_b   77.095
_cell.length_c   84.609
_cell.angle_alpha   90.00
_cell.angle_beta   107.42
_cell.angle_gamma   90.00
#
_symmetry.space_group_name_H-M   'C 1 2 1'
#
loop_
_entity.id
_entity.type
_entity.pdbx_description
1 polymer 'Transcriptional repressor protein KorB'
2 polymer 'TrfB transcriptional repressor protein'
3 polymer "DNA (5'-D(*TP*GP*TP*TP*TP*AP*GP*CP*TP*AP*AP*AP*CP*A)-3')"
4 non-polymer 'SULFATE ION'
5 water water
#
loop_
_entity_poly.entity_id
_entity_poly.type
_entity_poly.pdbx_seq_one_letter_code
_entity_poly.pdbx_strand_id
1 'polypeptide(L)'
;MLDSIGDLSSLLDAPAASQGGSGPIELDLDLIDEDPHQPRTADNPGFSPESIAEIGATIKERGVKSPISVRENQEQPGRY
IINHGARRYRGSKWAGKKSIPAFIDNDYNEADQVIENLQRNELTPREIADFIGRELAKGKKKGDIAKEIGKSPAFITQHV
TLLDLPEKIADAFNTGRVRDVTVVNELVTAFKKRPEEVEAWLDDDTQEITRGTVKLLREFLDEKKLAAALEHHHHHH
;
A,B
2 'polypeptide(L)'
;MKKRLTESQFQEAIQGLEVGQQTIEIARGVLVDGKPQATFATSLGLTRGAVSQAVHRVWAAFEDKNLPEGYARVTAVLPE
HQAYIVRKWEADAKKKQETKRKLAAALEHHHHHH
;
C,D
3 'polydeoxyribonucleotide' (DT)(DG)(DT)(DT)(DT)(DA)(DG)(DC)(DT)(DA)(DA)(DA)(DC)(DA) E,F
#
# COMPACT_ATOMS: atom_id res chain seq x y z
N GLY A 23 -4.99 2.50 47.12
CA GLY A 23 -5.19 2.93 45.73
C GLY A 23 -4.05 3.80 45.20
N PRO A 24 -4.29 4.62 44.14
CA PRO A 24 -3.45 5.78 43.82
C PRO A 24 -3.85 7.01 44.62
N ILE A 25 -3.15 8.14 44.43
CA ILE A 25 -3.43 9.31 45.23
C ILE A 25 -3.67 10.53 44.33
N GLU A 26 -4.65 11.37 44.69
CA GLU A 26 -4.94 12.60 43.98
C GLU A 26 -3.79 13.58 44.23
N LEU A 27 -3.18 14.13 43.17
CA LEU A 27 -2.19 15.20 43.28
C LEU A 27 -2.73 16.46 42.63
N ASP A 28 -2.45 17.61 43.27
CA ASP A 28 -2.74 18.92 42.70
C ASP A 28 -1.97 19.09 41.39
N LEU A 29 -2.65 19.65 40.37
CA LEU A 29 -2.08 19.76 39.04
C LEU A 29 -0.94 20.78 39.04
N ASP A 30 -1.09 21.86 39.82
CA ASP A 30 -0.12 22.94 39.80
C ASP A 30 1.16 22.51 40.49
N LEU A 31 1.21 21.31 41.10
CA LEU A 31 2.46 20.76 41.63
C LEU A 31 3.09 19.78 40.63
N ILE A 32 2.55 19.69 39.40
CA ILE A 32 3.00 18.75 38.39
C ILE A 32 3.48 19.53 37.16
N ASP A 33 4.64 19.12 36.62
CA ASP A 33 5.22 19.70 35.42
C ASP A 33 5.50 18.58 34.41
N GLU A 34 5.35 18.89 33.11
CA GLU A 34 5.74 17.93 32.11
C GLU A 34 7.26 17.86 32.04
N ASP A 35 7.76 16.65 31.72
CA ASP A 35 9.17 16.44 31.51
C ASP A 35 9.58 17.06 30.17
N PRO A 36 10.53 18.02 30.13
CA PRO A 36 10.93 18.61 28.86
C PRO A 36 11.74 17.69 27.97
N HIS A 37 12.20 16.52 28.46
CA HIS A 37 12.93 15.57 27.62
C HIS A 37 12.00 14.42 27.22
N GLN A 38 10.69 14.63 27.33
CA GLN A 38 9.76 13.57 26.98
C GLN A 38 9.92 13.33 25.48
N PRO A 39 9.89 12.06 25.04
CA PRO A 39 10.21 11.77 23.64
C PRO A 39 9.23 12.28 22.59
N ARG A 40 7.98 12.57 22.99
CA ARG A 40 7.03 13.22 22.09
C ARG A 40 7.25 14.74 22.03
N THR A 41 7.22 15.30 20.82
CA THR A 41 7.47 16.72 20.56
C THR A 41 6.12 17.42 20.39
N ALA A 42 6.14 18.77 20.40
CA ALA A 42 4.94 19.56 20.64
C ALA A 42 3.85 19.32 19.60
N ASP A 43 4.30 19.11 18.37
CA ASP A 43 3.45 18.87 17.21
C ASP A 43 3.05 17.39 17.11
N ASN A 44 3.34 16.58 18.13
CA ASN A 44 2.85 15.21 18.13
C ASN A 44 1.34 15.29 17.99
N PRO A 45 0.74 14.43 17.14
CA PRO A 45 -0.69 14.55 16.83
C PRO A 45 -1.55 14.28 18.07
N GLY A 46 -1.05 13.50 19.02
CA GLY A 46 -1.78 13.23 20.23
C GLY A 46 -1.87 14.44 21.16
N PHE A 47 -1.13 15.52 20.83
CA PHE A 47 -1.19 16.74 21.62
C PHE A 47 -1.98 17.83 20.90
N SER A 48 -2.66 17.47 19.80
CA SER A 48 -3.45 18.41 19.02
C SER A 48 -4.65 18.87 19.84
N PRO A 49 -5.20 20.08 19.56
CA PRO A 49 -6.41 20.54 20.26
C PRO A 49 -7.60 19.60 20.25
N GLU A 50 -7.89 18.91 19.12
CA GLU A 50 -8.98 17.93 19.11
C GLU A 50 -8.63 16.84 20.12
N SER A 51 -7.41 16.30 19.99
CA SER A 51 -7.00 15.16 20.79
C SER A 51 -7.24 15.41 22.27
N ILE A 52 -6.82 16.57 22.76
CA ILE A 52 -6.93 16.91 24.17
C ILE A 52 -8.39 17.16 24.56
N ALA A 53 -9.14 17.76 23.62
CA ALA A 53 -10.54 18.11 23.84
C ALA A 53 -11.36 16.84 24.01
N GLU A 54 -10.95 15.82 23.26
CA GLU A 54 -11.61 14.55 23.28
C GLU A 54 -11.32 13.85 24.62
N ILE A 55 -10.08 13.88 25.07
CA ILE A 55 -9.79 13.18 26.31
C ILE A 55 -10.27 14.02 27.51
N GLY A 56 -10.20 15.34 27.41
CA GLY A 56 -10.80 16.23 28.39
C GLY A 56 -12.26 15.87 28.63
N ALA A 57 -12.97 15.68 27.51
CA ALA A 57 -14.40 15.41 27.52
C ALA A 57 -14.69 14.15 28.33
N THR A 58 -13.94 13.07 28.07
CA THR A 58 -14.18 11.80 28.74
C THR A 58 -13.76 11.91 30.21
N ILE A 59 -12.73 12.71 30.49
CA ILE A 59 -12.29 12.92 31.87
C ILE A 59 -13.32 13.71 32.69
N LYS A 60 -13.94 14.74 32.10
CA LYS A 60 -15.01 15.50 32.74
C LYS A 60 -16.16 14.57 33.14
N GLU A 61 -16.54 13.68 32.23
CA GLU A 61 -17.68 12.78 32.40
C GLU A 61 -17.30 11.70 33.42
N ARG A 62 -16.23 10.92 33.18
CA ARG A 62 -16.02 9.64 33.85
C ARG A 62 -14.83 9.68 34.82
N GLY A 63 -14.02 10.74 34.77
CA GLY A 63 -12.77 10.81 35.50
C GLY A 63 -11.62 10.07 34.80
N VAL A 64 -10.39 10.34 35.27
CA VAL A 64 -9.22 9.63 34.84
C VAL A 64 -9.21 8.26 35.50
N LYS A 65 -9.22 7.19 34.71
CA LYS A 65 -9.26 5.84 35.26
C LYS A 65 -7.94 5.10 35.02
N SER A 66 -7.00 5.73 34.34
CA SER A 66 -5.66 5.17 34.21
C SER A 66 -4.70 6.16 34.86
N PRO A 67 -4.46 6.07 36.18
CA PRO A 67 -3.59 7.02 36.89
C PRO A 67 -2.21 7.24 36.29
N ILE A 68 -1.68 8.46 36.39
CA ILE A 68 -0.42 8.80 35.78
C ILE A 68 0.75 8.44 36.71
N SER A 69 1.95 8.34 36.14
CA SER A 69 3.16 8.07 36.92
C SER A 69 3.98 9.34 36.99
N VAL A 70 4.42 9.69 38.19
CA VAL A 70 5.26 10.84 38.41
C VAL A 70 6.43 10.42 39.28
N ARG A 71 7.50 11.20 39.14
CA ARG A 71 8.63 11.15 40.06
C ARG A 71 8.66 12.48 40.83
N GLU A 72 9.32 12.45 41.99
CA GLU A 72 9.53 13.63 42.80
C GLU A 72 10.65 14.46 42.15
N ASN A 73 10.45 15.78 42.10
CA ASN A 73 11.42 16.66 41.47
C ASN A 73 12.52 16.99 42.46
N GLN A 74 13.72 16.46 42.21
CA GLN A 74 14.83 16.52 43.16
C GLN A 74 15.32 17.97 43.28
N GLU A 75 15.22 18.73 42.18
CA GLU A 75 15.76 20.08 42.11
C GLU A 75 14.70 21.13 42.41
N GLN A 76 13.59 20.76 43.05
CA GLN A 76 12.51 21.72 43.27
C GLN A 76 11.50 21.11 44.25
N PRO A 77 11.86 20.94 45.54
CA PRO A 77 11.08 20.13 46.48
C PRO A 77 9.57 20.35 46.43
N GLY A 78 8.81 19.25 46.48
CA GLY A 78 7.36 19.30 46.64
C GLY A 78 6.60 19.31 45.32
N ARG A 79 7.33 19.45 44.20
CA ARG A 79 6.78 19.36 42.87
C ARG A 79 7.15 18.03 42.22
N TYR A 80 6.44 17.68 41.13
CA TYR A 80 6.55 16.36 40.53
C TYR A 80 6.85 16.48 39.04
N ILE A 81 7.37 15.40 38.45
CA ILE A 81 7.58 15.36 37.02
C ILE A 81 6.88 14.11 36.48
N ILE A 82 6.19 14.30 35.36
CA ILE A 82 5.46 13.24 34.71
C ILE A 82 6.43 12.24 34.10
N ASN A 83 6.23 10.96 34.47
CA ASN A 83 6.88 9.86 33.79
C ASN A 83 6.07 9.53 32.53
N HIS A 84 4.78 9.25 32.73
CA HIS A 84 3.85 9.04 31.64
C HIS A 84 2.49 9.59 32.03
N GLY A 85 1.75 10.11 31.02
CA GLY A 85 0.42 10.66 31.24
C GLY A 85 0.28 12.14 30.89
N ALA A 86 1.23 12.69 30.14
CA ALA A 86 1.09 14.06 29.66
C ALA A 86 -0.31 14.35 29.11
N ARG A 87 -0.89 13.44 28.30
CA ARG A 87 -2.17 13.76 27.66
C ARG A 87 -3.29 13.84 28.69
N ARG A 88 -3.34 12.88 29.61
CA ARG A 88 -4.34 12.91 30.66
C ARG A 88 -4.17 14.19 31.48
N TYR A 89 -2.91 14.60 31.64
CA TYR A 89 -2.57 15.77 32.41
C TYR A 89 -3.12 17.02 31.74
N ARG A 90 -2.89 17.18 30.45
CA ARG A 90 -3.50 18.28 29.72
C ARG A 90 -5.03 18.16 29.73
N GLY A 91 -5.57 17.00 29.38
CA GLY A 91 -7.01 16.82 29.38
C GLY A 91 -7.63 17.01 30.76
N SER A 92 -6.85 16.80 31.82
CA SER A 92 -7.36 17.05 33.15
C SER A 92 -7.52 18.56 33.33
N LYS A 93 -6.56 19.36 32.82
CA LYS A 93 -6.70 20.80 32.84
C LYS A 93 -7.92 21.24 32.04
N TRP A 94 -8.05 20.77 30.79
CA TRP A 94 -9.17 21.13 29.91
C TRP A 94 -10.51 20.83 30.56
N ALA A 95 -10.57 19.83 31.44
CA ALA A 95 -11.81 19.45 32.10
C ALA A 95 -12.08 20.35 33.31
N GLY A 96 -11.05 21.10 33.75
CA GLY A 96 -11.15 22.03 34.86
C GLY A 96 -10.96 21.37 36.23
N LYS A 97 -10.00 20.45 36.34
CA LYS A 97 -9.83 19.64 37.54
C LYS A 97 -8.80 20.28 38.45
N LYS A 98 -8.91 20.01 39.74
CA LYS A 98 -7.96 20.50 40.74
C LYS A 98 -6.78 19.54 40.77
N SER A 99 -7.10 18.23 40.70
CA SER A 99 -6.16 17.16 40.98
C SER A 99 -6.23 16.11 39.88
N ILE A 100 -5.40 15.08 40.01
CA ILE A 100 -5.41 13.99 39.06
C ILE A 100 -4.85 12.76 39.76
N PRO A 101 -5.47 11.57 39.60
CA PRO A 101 -4.92 10.34 40.15
C PRO A 101 -3.50 10.09 39.65
N ALA A 102 -2.63 9.59 40.54
CA ALA A 102 -1.23 9.35 40.21
C ALA A 102 -0.63 8.38 41.22
N PHE A 103 0.56 7.87 40.90
CA PHE A 103 1.42 7.37 41.97
C PHE A 103 2.85 7.77 41.61
N ILE A 104 3.73 7.56 42.57
CA ILE A 104 5.10 8.00 42.46
C ILE A 104 5.95 6.77 42.13
N ASP A 105 6.83 6.92 41.15
CA ASP A 105 7.81 5.92 40.82
C ASP A 105 9.06 6.72 40.49
N ASN A 106 10.01 6.72 41.42
CA ASN A 106 11.18 7.58 41.32
C ASN A 106 12.25 6.90 40.51
N ASP A 107 11.99 5.69 39.99
CA ASP A 107 12.99 5.00 39.19
C ASP A 107 12.49 4.84 37.75
N TYR A 108 12.42 5.99 37.04
CA TYR A 108 11.78 6.02 35.74
C TYR A 108 12.61 6.92 34.82
N ASN A 109 13.30 6.32 33.84
CA ASN A 109 14.23 7.03 33.01
C ASN A 109 13.65 7.22 31.62
N GLU A 110 14.45 7.77 30.71
CA GLU A 110 14.00 8.19 29.38
C GLU A 110 13.58 6.99 28.52
N ALA A 111 14.29 5.87 28.65
CA ALA A 111 14.01 4.69 27.85
C ALA A 111 12.65 4.12 28.24
N ASP A 112 12.41 4.02 29.56
CA ASP A 112 11.11 3.66 30.11
C ASP A 112 10.01 4.48 29.45
N GLN A 113 10.24 5.78 29.27
CA GLN A 113 9.27 6.62 28.58
C GLN A 113 9.13 6.13 27.13
N VAL A 114 10.25 5.87 26.44
CA VAL A 114 10.15 5.48 25.04
C VAL A 114 9.36 4.19 25.00
N ILE A 115 9.70 3.25 25.86
CA ILE A 115 9.01 1.97 25.88
C ILE A 115 7.51 2.15 26.00
N GLU A 116 7.08 2.96 26.97
CA GLU A 116 5.67 3.16 27.27
C GLU A 116 5.02 3.76 26.03
N ASN A 117 5.66 4.76 25.44
CA ASN A 117 5.08 5.41 24.29
C ASN A 117 5.02 4.46 23.10
N LEU A 118 6.04 3.60 22.93
CA LEU A 118 6.07 2.67 21.81
C LEU A 118 4.93 1.66 21.94
N GLN A 119 4.71 1.19 23.18
CA GLN A 119 3.67 0.21 23.43
C GLN A 119 2.29 0.81 23.21
N ARG A 120 2.17 2.14 23.11
CA ARG A 120 0.90 2.81 22.83
C ARG A 120 0.86 3.35 21.40
N ASN A 121 1.92 3.07 20.61
CA ASN A 121 2.15 3.57 19.25
C ASN A 121 2.07 5.10 19.18
N GLU A 122 2.55 5.79 20.21
CA GLU A 122 2.37 7.23 20.29
C GLU A 122 3.53 7.98 19.63
N LEU A 123 4.65 7.30 19.35
CA LEU A 123 5.82 7.94 18.80
C LEU A 123 5.82 7.86 17.27
N THR A 124 6.05 9.02 16.62
CA THR A 124 6.27 9.08 15.19
C THR A 124 7.63 8.48 14.84
N PRO A 125 7.80 7.94 13.61
CA PRO A 125 9.13 7.58 13.11
C PRO A 125 10.25 8.60 13.35
N ARG A 126 9.91 9.89 13.24
N ARG A 126 9.92 9.90 13.23
CA ARG A 126 10.90 10.94 13.44
CA ARG A 126 10.92 10.94 13.43
C ARG A 126 11.30 11.01 14.90
C ARG A 126 11.30 11.01 14.90
N GLU A 127 10.29 10.89 15.78
CA GLU A 127 10.52 10.95 17.22
C GLU A 127 11.44 9.81 17.65
N ILE A 128 11.22 8.62 17.09
CA ILE A 128 12.03 7.47 17.38
C ILE A 128 13.46 7.64 16.84
N ALA A 129 13.58 8.05 15.58
CA ALA A 129 14.89 8.33 15.02
C ALA A 129 15.67 9.36 15.85
N ASP A 130 14.98 10.43 16.28
CA ASP A 130 15.63 11.51 17.00
C ASP A 130 16.05 11.01 18.39
N PHE A 131 15.25 10.14 19.01
CA PHE A 131 15.62 9.55 20.29
C PHE A 131 16.88 8.70 20.11
N ILE A 132 16.96 8.02 18.98
CA ILE A 132 18.09 7.14 18.73
C ILE A 132 19.33 7.99 18.47
N GLY A 133 19.14 9.16 17.84
CA GLY A 133 20.20 10.12 17.58
C GLY A 133 20.89 10.60 18.86
N ARG A 134 20.02 10.84 19.84
CA ARG A 134 20.46 11.40 21.10
C ARG A 134 21.29 10.37 21.86
N GLU A 135 20.90 9.11 21.76
CA GLU A 135 21.60 8.05 22.47
C GLU A 135 22.93 7.79 21.79
N LEU A 136 22.95 7.76 20.44
CA LEU A 136 24.20 7.57 19.71
C LEU A 136 25.20 8.69 20.05
N ALA A 137 24.66 9.90 20.28
CA ALA A 137 25.44 11.10 20.52
C ALA A 137 26.10 11.10 21.88
N LYS A 138 25.66 10.15 22.71
CA LYS A 138 26.18 9.93 24.04
C LYS A 138 27.16 8.77 24.04
N GLY A 139 27.43 8.26 22.83
CA GLY A 139 28.39 7.18 22.68
C GLY A 139 27.82 5.81 22.95
N LYS A 140 26.48 5.70 23.09
CA LYS A 140 25.84 4.40 23.16
C LYS A 140 25.91 3.76 21.78
N LYS A 141 25.83 2.42 21.79
CA LYS A 141 25.91 1.62 20.57
C LYS A 141 24.51 1.11 20.24
N LYS A 142 24.19 0.91 18.93
CA LYS A 142 22.94 0.30 18.50
C LYS A 142 22.52 -0.85 19.41
N GLY A 143 23.40 -1.85 19.59
CA GLY A 143 23.17 -2.95 20.51
C GLY A 143 22.36 -2.55 21.74
N ASP A 144 22.85 -1.53 22.46
CA ASP A 144 22.36 -1.17 23.79
C ASP A 144 21.14 -0.27 23.72
N ILE A 145 20.99 0.46 22.61
CA ILE A 145 19.82 1.29 22.44
C ILE A 145 18.65 0.35 22.19
N ALA A 146 18.91 -0.66 21.34
CA ALA A 146 17.97 -1.73 21.07
C ALA A 146 17.55 -2.39 22.37
N LYS A 147 18.52 -2.83 23.17
CA LYS A 147 18.21 -3.47 24.44
C LYS A 147 17.31 -2.57 25.28
N GLU A 148 17.65 -1.27 25.37
CA GLU A 148 17.08 -0.49 26.44
C GLU A 148 15.65 -0.08 26.07
N ILE A 149 15.26 -0.09 24.79
CA ILE A 149 13.85 0.10 24.44
C ILE A 149 13.19 -1.23 24.00
N GLY A 150 13.85 -2.38 24.20
CA GLY A 150 13.23 -3.67 23.92
C GLY A 150 12.82 -3.79 22.46
N LYS A 151 13.74 -3.43 21.56
CA LYS A 151 13.51 -3.52 20.14
C LYS A 151 14.70 -4.22 19.51
N SER A 152 14.61 -4.52 18.21
CA SER A 152 15.63 -5.32 17.52
C SER A 152 16.68 -4.42 16.92
N PRO A 153 17.95 -4.88 16.75
CA PRO A 153 18.94 -4.06 16.05
C PRO A 153 18.41 -3.54 14.71
N ALA A 154 17.57 -4.33 14.04
CA ALA A 154 17.04 -3.96 12.73
C ALA A 154 16.10 -2.78 12.87
N PHE A 155 15.31 -2.74 13.95
CA PHE A 155 14.43 -1.62 14.23
C PHE A 155 15.25 -0.35 14.36
N ILE A 156 16.42 -0.43 15.03
CA ILE A 156 17.25 0.75 15.24
C ILE A 156 17.78 1.21 13.89
N THR A 157 18.31 0.27 13.11
CA THR A 157 18.92 0.57 11.82
C THR A 157 17.92 1.32 10.95
N GLN A 158 16.69 0.80 10.89
CA GLN A 158 15.67 1.31 9.99
C GLN A 158 15.42 2.77 10.33
N HIS A 159 15.26 3.06 11.63
CA HIS A 159 15.02 4.43 12.04
C HIS A 159 16.26 5.31 11.89
N VAL A 160 17.47 4.76 11.94
CA VAL A 160 18.66 5.58 11.74
C VAL A 160 18.66 6.19 10.34
N THR A 161 18.32 5.40 9.32
CA THR A 161 18.14 5.89 7.96
C THR A 161 17.42 7.23 7.88
N LEU A 162 16.43 7.47 8.75
CA LEU A 162 15.65 8.70 8.69
C LEU A 162 16.47 9.94 9.06
N LEU A 163 17.54 9.75 9.84
CA LEU A 163 18.33 10.89 10.30
C LEU A 163 19.05 11.59 9.15
N ASP A 164 19.43 10.87 8.08
CA ASP A 164 20.13 11.48 6.95
C ASP A 164 19.58 10.97 5.61
N LEU A 165 18.41 11.50 5.24
CA LEU A 165 17.70 11.09 4.04
C LEU A 165 18.17 11.90 2.86
N PRO A 166 18.26 11.30 1.66
CA PRO A 166 18.50 12.06 0.43
C PRO A 166 17.45 13.14 0.26
N GLU A 167 17.78 14.21 -0.45
CA GLU A 167 16.98 15.42 -0.41
C GLU A 167 15.53 15.14 -0.80
N LYS A 168 15.29 14.59 -1.99
CA LYS A 168 13.92 14.43 -2.48
C LYS A 168 13.18 13.42 -1.58
N ILE A 169 13.84 12.36 -1.09
CA ILE A 169 13.15 11.42 -0.23
C ILE A 169 12.77 12.12 1.08
N ALA A 170 13.57 13.08 1.49
CA ALA A 170 13.30 13.85 2.68
C ALA A 170 12.03 14.66 2.48
N ASP A 171 11.93 15.33 1.32
CA ASP A 171 10.77 16.18 1.04
C ASP A 171 9.51 15.31 1.14
N ALA A 172 9.61 14.10 0.56
CA ALA A 172 8.48 13.19 0.52
C ALA A 172 8.05 12.83 1.94
N PHE A 173 9.06 12.60 2.80
CA PHE A 173 8.84 12.16 4.16
C PHE A 173 8.27 13.29 5.00
N ASN A 174 8.79 14.52 4.83
CA ASN A 174 8.37 15.62 5.67
C ASN A 174 7.08 16.24 5.19
N THR A 175 6.79 16.24 3.88
CA THR A 175 5.46 16.59 3.43
C THR A 175 4.49 15.41 3.64
N GLY A 176 4.94 14.28 4.18
CA GLY A 176 4.02 13.19 4.50
C GLY A 176 3.43 12.43 3.30
N ARG A 177 4.04 12.53 2.11
CA ARG A 177 3.80 11.57 1.03
C ARG A 177 4.11 10.12 1.43
N VAL A 178 5.08 9.94 2.30
CA VAL A 178 5.47 8.62 2.77
C VAL A 178 5.78 8.77 4.26
N ARG A 179 5.30 7.84 5.07
CA ARG A 179 5.32 7.98 6.52
C ARG A 179 5.93 6.72 7.13
N ASP A 180 5.73 5.60 6.45
CA ASP A 180 6.15 4.27 6.87
C ASP A 180 7.67 4.14 6.80
N VAL A 181 8.27 3.89 7.95
CA VAL A 181 9.71 3.76 8.03
C VAL A 181 10.21 2.66 7.09
N THR A 182 9.44 1.60 6.88
CA THR A 182 9.95 0.49 6.09
C THR A 182 9.93 0.82 4.61
N VAL A 183 8.90 1.55 4.16
CA VAL A 183 8.85 2.05 2.79
C VAL A 183 9.96 3.07 2.54
N VAL A 184 10.23 3.94 3.52
CA VAL A 184 11.24 4.96 3.32
C VAL A 184 12.57 4.27 3.13
N ASN A 185 12.76 3.19 3.88
CA ASN A 185 13.97 2.40 3.73
C ASN A 185 14.04 1.79 2.34
N GLU A 186 12.92 1.25 1.85
CA GLU A 186 12.89 0.63 0.55
C GLU A 186 13.24 1.66 -0.53
N LEU A 187 12.77 2.90 -0.36
CA LEU A 187 12.99 3.97 -1.33
C LEU A 187 14.45 4.38 -1.33
N VAL A 188 15.04 4.50 -0.13
CA VAL A 188 16.44 4.90 -0.02
C VAL A 188 17.35 3.86 -0.68
N THR A 189 17.14 2.57 -0.36
CA THR A 189 17.90 1.52 -1.02
C THR A 189 17.82 1.67 -2.55
N ALA A 190 16.61 1.87 -3.09
CA ALA A 190 16.45 2.05 -4.53
C ALA A 190 17.27 3.25 -5.00
N PHE A 191 17.27 4.32 -4.22
CA PHE A 191 17.90 5.57 -4.63
C PHE A 191 19.43 5.51 -4.54
N LYS A 192 19.94 4.64 -3.66
CA LYS A 192 21.38 4.45 -3.52
C LYS A 192 21.92 3.81 -4.80
N LYS A 193 21.11 3.01 -5.50
CA LYS A 193 21.61 2.30 -6.66
C LYS A 193 21.27 3.03 -7.95
N ARG A 194 20.10 3.69 -8.06
CA ARG A 194 19.68 4.31 -9.31
C ARG A 194 19.00 5.65 -9.03
N PRO A 195 19.73 6.67 -8.54
CA PRO A 195 19.14 7.93 -8.09
C PRO A 195 18.30 8.69 -9.11
N GLU A 196 18.84 8.89 -10.31
CA GLU A 196 18.12 9.67 -11.31
C GLU A 196 16.71 9.14 -11.48
N GLU A 197 16.59 7.84 -11.73
CA GLU A 197 15.29 7.19 -11.90
C GLU A 197 14.41 7.38 -10.67
N VAL A 198 14.95 7.16 -9.48
CA VAL A 198 14.14 7.31 -8.30
C VAL A 198 13.64 8.75 -8.22
N GLU A 199 14.47 9.72 -8.60
CA GLU A 199 14.04 11.11 -8.50
C GLU A 199 12.96 11.43 -9.52
N ALA A 200 12.99 10.81 -10.71
CA ALA A 200 12.00 11.08 -11.73
C ALA A 200 10.63 10.60 -11.27
N TRP A 201 10.64 9.39 -10.67
CA TRP A 201 9.49 8.73 -10.09
C TRP A 201 8.83 9.63 -9.05
N LEU A 202 9.64 10.22 -8.16
CA LEU A 202 9.17 11.10 -7.09
C LEU A 202 8.72 12.44 -7.64
N ASP A 203 9.30 12.84 -8.77
CA ASP A 203 9.03 14.16 -9.33
C ASP A 203 7.67 14.19 -9.99
N ASP A 204 7.00 13.04 -10.11
CA ASP A 204 5.64 13.01 -10.63
C ASP A 204 4.70 13.26 -9.45
N ASP A 205 3.96 14.38 -9.49
CA ASP A 205 3.07 14.78 -8.41
C ASP A 205 1.97 13.74 -8.13
N THR A 206 1.63 12.93 -9.13
CA THR A 206 0.51 12.01 -9.02
C THR A 206 0.92 10.67 -8.39
N GLN A 207 2.22 10.44 -8.14
CA GLN A 207 2.71 9.11 -7.80
C GLN A 207 2.57 8.84 -6.30
N GLU A 208 1.71 7.89 -5.97
CA GLU A 208 1.48 7.40 -4.62
C GLU A 208 2.71 6.57 -4.21
N ILE A 209 3.20 6.77 -3.00
CA ILE A 209 4.33 6.04 -2.47
C ILE A 209 3.83 5.04 -1.41
N THR A 210 3.92 3.76 -1.75
CA THR A 210 3.48 2.73 -0.85
C THR A 210 4.35 1.50 -1.01
N ARG A 211 4.18 0.54 -0.10
CA ARG A 211 4.93 -0.69 -0.20
C ARG A 211 4.85 -1.20 -1.63
N GLY A 212 3.66 -1.10 -2.25
CA GLY A 212 3.42 -1.76 -3.51
C GLY A 212 3.95 -0.98 -4.71
N THR A 213 3.78 0.34 -4.69
CA THR A 213 4.26 1.16 -5.78
C THR A 213 5.79 1.11 -5.81
N VAL A 214 6.38 1.17 -4.60
CA VAL A 214 7.83 1.13 -4.51
C VAL A 214 8.30 -0.23 -5.00
N LYS A 215 7.55 -1.28 -4.67
CA LYS A 215 7.92 -2.62 -5.08
C LYS A 215 8.00 -2.68 -6.60
N LEU A 216 6.99 -2.11 -7.29
CA LEU A 216 6.99 -2.07 -8.74
C LEU A 216 8.18 -1.27 -9.28
N LEU A 217 8.52 -0.18 -8.59
CA LEU A 217 9.67 0.61 -8.98
C LEU A 217 10.90 -0.29 -8.97
N ARG A 218 11.13 -1.02 -7.86
CA ARG A 218 12.32 -1.86 -7.74
C ARG A 218 12.33 -2.89 -8.86
N GLU A 219 11.16 -3.46 -9.20
CA GLU A 219 11.10 -4.51 -10.18
C GLU A 219 11.54 -3.95 -11.52
N PHE A 220 11.09 -2.72 -11.80
CA PHE A 220 11.37 -2.01 -13.04
C PHE A 220 12.86 -1.74 -13.17
N LEU A 221 13.46 -1.24 -12.10
CA LEU A 221 14.88 -0.98 -12.07
C LEU A 221 15.67 -2.26 -12.36
N ASP A 222 15.30 -3.37 -11.72
CA ASP A 222 16.00 -4.63 -11.90
C ASP A 222 15.86 -5.13 -13.33
N GLU A 223 14.73 -4.82 -13.98
CA GLU A 223 14.54 -5.20 -15.38
C GLU A 223 15.46 -4.41 -16.30
N LYS A 224 15.92 -3.22 -15.86
CA LYS A 224 16.74 -2.37 -16.70
C LYS A 224 18.21 -2.73 -16.56
N LYS A 225 18.67 -3.00 -15.32
CA LYS A 225 20.03 -3.47 -15.07
C LYS A 225 20.36 -4.68 -15.95
N LEU A 226 19.39 -5.59 -16.11
CA LEU A 226 19.55 -6.82 -16.89
C LEU A 226 19.65 -6.53 -18.38
N ALA A 227 18.86 -5.56 -18.87
CA ALA A 227 18.91 -5.18 -20.28
C ALA A 227 20.05 -4.18 -20.51
N ALA A 228 20.78 -3.83 -19.43
CA ALA A 228 22.09 -3.20 -19.49
C ALA A 228 23.17 -4.25 -19.81
N ALA A 229 23.03 -5.44 -19.21
CA ALA A 229 23.91 -6.57 -19.52
C ALA A 229 23.33 -7.47 -20.63
N LEU A 230 22.56 -6.90 -21.59
CA LEU A 230 21.86 -7.69 -22.61
C LEU A 230 21.69 -6.87 -23.91
N SER B 22 0.32 5.26 48.92
CA SER B 22 1.57 5.69 48.23
C SER B 22 2.01 4.56 47.30
N GLY B 23 1.12 4.12 46.41
CA GLY B 23 1.45 3.05 45.49
C GLY B 23 0.25 2.24 45.00
N PRO B 24 0.46 1.41 43.94
CA PRO B 24 -0.43 0.29 43.62
C PRO B 24 -0.09 -0.94 44.45
N ILE B 25 -0.82 -2.04 44.27
CA ILE B 25 -0.54 -3.24 45.02
C ILE B 25 -0.29 -4.42 44.09
N GLU B 26 0.70 -5.26 44.44
CA GLU B 26 0.97 -6.51 43.73
C GLU B 26 -0.23 -7.47 43.91
N LEU B 27 -0.79 -7.98 42.81
CA LEU B 27 -1.76 -9.07 42.89
C LEU B 27 -1.18 -10.30 42.20
N ASP B 28 -1.45 -11.48 42.77
CA ASP B 28 -1.16 -12.74 42.12
C ASP B 28 -1.92 -12.83 40.80
N LEU B 29 -1.24 -13.34 39.77
CA LEU B 29 -1.82 -13.45 38.45
C LEU B 29 -2.94 -14.50 38.44
N ASP B 30 -2.77 -15.55 39.26
CA ASP B 30 -3.70 -16.67 39.36
C ASP B 30 -5.05 -16.21 39.92
N LEU B 31 -5.12 -15.01 40.50
CA LEU B 31 -6.38 -14.49 41.02
C LEU B 31 -7.00 -13.51 40.02
N ILE B 32 -6.43 -13.39 38.81
CA ILE B 32 -6.84 -12.42 37.81
C ILE B 32 -7.25 -13.14 36.53
N ASP B 33 -8.38 -12.69 35.95
CA ASP B 33 -8.95 -13.28 34.74
C ASP B 33 -9.19 -12.19 33.72
N GLU B 34 -8.98 -12.46 32.44
CA GLU B 34 -9.34 -11.49 31.43
C GLU B 34 -10.87 -11.41 31.32
N ASP B 35 -11.40 -10.21 31.06
CA ASP B 35 -12.82 -10.00 30.82
C ASP B 35 -13.16 -10.59 29.46
N PRO B 36 -14.08 -11.58 29.37
CA PRO B 36 -14.39 -12.16 28.07
C PRO B 36 -15.23 -11.27 27.15
N HIS B 37 -15.74 -10.14 27.64
CA HIS B 37 -16.44 -9.18 26.77
C HIS B 37 -15.52 -8.00 26.44
N GLN B 38 -14.20 -8.19 26.60
CA GLN B 38 -13.28 -7.11 26.30
C GLN B 38 -13.39 -6.81 24.80
N PRO B 39 -13.40 -5.52 24.40
CA PRO B 39 -13.63 -5.17 23.00
C PRO B 39 -12.59 -5.63 21.99
N ARG B 40 -11.34 -5.92 22.42
CA ARG B 40 -10.34 -6.48 21.54
C ARG B 40 -10.52 -8.00 21.35
N THR B 41 -10.40 -8.46 20.09
CA THR B 41 -10.58 -9.86 19.72
C THR B 41 -9.20 -10.52 19.64
N ALA B 42 -9.19 -11.86 19.68
CA ALA B 42 -7.95 -12.63 19.83
C ALA B 42 -6.95 -12.36 18.70
N ASP B 43 -7.46 -12.05 17.52
CA ASP B 43 -6.68 -11.73 16.33
C ASP B 43 -6.23 -10.26 16.32
N ASN B 44 -6.47 -9.51 17.40
CA ASN B 44 -5.94 -8.17 17.50
C ASN B 44 -4.42 -8.22 17.37
N PRO B 45 -3.77 -7.35 16.57
CA PRO B 45 -2.34 -7.46 16.32
C PRO B 45 -1.52 -7.19 17.58
N GLY B 46 -2.09 -6.45 18.54
CA GLY B 46 -1.42 -6.24 19.81
C GLY B 46 -1.41 -7.48 20.70
N PHE B 47 -2.14 -8.53 20.30
CA PHE B 47 -2.12 -9.79 21.01
C PHE B 47 -1.28 -10.83 20.28
N SER B 48 -0.50 -10.40 19.27
CA SER B 48 0.34 -11.32 18.50
C SER B 48 1.48 -11.83 19.37
N PRO B 49 2.02 -13.04 19.13
CA PRO B 49 3.20 -13.49 19.86
C PRO B 49 4.41 -12.54 19.82
N GLU B 50 4.68 -11.84 18.72
CA GLU B 50 5.73 -10.81 18.71
C GLU B 50 5.38 -9.77 19.77
N SER B 51 4.16 -9.23 19.70
CA SER B 51 3.75 -8.15 20.59
C SER B 51 3.97 -8.54 22.05
N ILE B 52 3.46 -9.70 22.47
CA ILE B 52 3.47 -10.09 23.87
C ILE B 52 4.88 -10.43 24.35
N ALA B 53 5.69 -11.04 23.47
CA ALA B 53 7.01 -11.52 23.85
C ALA B 53 7.93 -10.32 24.03
N GLU B 54 7.63 -9.28 23.28
CA GLU B 54 8.37 -8.04 23.35
C GLU B 54 8.03 -7.33 24.66
N ILE B 55 6.77 -7.37 25.07
CA ILE B 55 6.41 -6.69 26.31
C ILE B 55 6.88 -7.54 27.50
N GLY B 56 6.80 -8.87 27.38
CA GLY B 56 7.41 -9.75 28.38
C GLY B 56 8.87 -9.37 28.64
N ALA B 57 9.61 -9.17 27.55
CA ALA B 57 11.02 -8.86 27.59
C ALA B 57 11.28 -7.60 28.42
N THR B 58 10.54 -6.51 28.15
CA THR B 58 10.72 -5.26 28.86
C THR B 58 10.27 -5.41 30.31
N ILE B 59 9.25 -6.23 30.57
CA ILE B 59 8.76 -6.46 31.93
C ILE B 59 9.79 -7.21 32.76
N LYS B 60 10.43 -8.24 32.19
CA LYS B 60 11.48 -8.99 32.88
C LYS B 60 12.61 -8.06 33.30
N GLU B 61 13.02 -7.17 32.39
CA GLU B 61 14.15 -6.29 32.58
C GLU B 61 13.79 -5.18 33.58
N ARG B 62 12.72 -4.43 33.31
CA ARG B 62 12.51 -3.13 33.96
C ARG B 62 11.30 -3.16 34.91
N GLY B 63 10.49 -4.23 34.86
CA GLY B 63 9.24 -4.30 35.60
C GLY B 63 8.07 -3.62 34.87
N VAL B 64 6.85 -3.95 35.32
CA VAL B 64 5.65 -3.27 34.86
C VAL B 64 5.59 -1.90 35.55
N LYS B 65 5.60 -0.83 34.75
CA LYS B 65 5.57 0.51 35.31
C LYS B 65 4.25 1.20 34.97
N SER B 66 3.36 0.50 34.24
CA SER B 66 2.00 1.02 34.05
C SER B 66 1.07 0.01 34.71
N PRO B 67 0.72 0.19 36.00
CA PRO B 67 -0.18 -0.72 36.70
C PRO B 67 -1.55 -0.94 36.05
N ILE B 68 -2.08 -2.17 36.15
CA ILE B 68 -3.33 -2.48 35.49
C ILE B 68 -4.51 -2.14 36.39
N SER B 69 -5.71 -2.04 35.80
CA SER B 69 -6.94 -1.76 36.55
C SER B 69 -7.78 -3.02 36.58
N VAL B 70 -8.23 -3.38 37.79
CA VAL B 70 -9.06 -4.57 37.96
C VAL B 70 -10.27 -4.20 38.81
N ARG B 71 -11.35 -4.98 38.63
CA ARG B 71 -12.53 -4.94 39.47
C ARG B 71 -12.62 -6.28 40.19
N GLU B 72 -13.33 -6.30 41.33
CA GLU B 72 -13.56 -7.51 42.11
C GLU B 72 -14.65 -8.32 41.41
N ASN B 73 -14.44 -9.64 41.36
CA ASN B 73 -15.36 -10.51 40.66
C ASN B 73 -16.53 -10.85 41.58
N GLN B 74 -17.71 -10.33 41.23
CA GLN B 74 -18.88 -10.37 42.09
C GLN B 74 -19.37 -11.81 42.24
N GLU B 75 -19.19 -12.63 41.21
CA GLU B 75 -19.74 -13.97 41.17
C GLU B 75 -18.71 -15.00 41.63
N GLN B 76 -17.61 -14.60 42.30
CA GLN B 76 -16.52 -15.53 42.55
C GLN B 76 -15.50 -14.91 43.51
N PRO B 77 -15.85 -14.79 44.81
CA PRO B 77 -15.02 -14.10 45.81
C PRO B 77 -13.51 -14.36 45.75
N GLY B 78 -12.74 -13.29 45.90
CA GLY B 78 -11.30 -13.36 46.03
C GLY B 78 -10.57 -13.16 44.70
N ARG B 79 -11.32 -13.23 43.58
CA ARG B 79 -10.76 -13.14 42.24
C ARG B 79 -11.12 -11.80 41.58
N TYR B 80 -10.40 -11.47 40.50
CA TYR B 80 -10.48 -10.14 39.89
C TYR B 80 -10.74 -10.27 38.40
N ILE B 81 -11.19 -9.17 37.81
CA ILE B 81 -11.36 -9.07 36.38
C ILE B 81 -10.63 -7.81 35.92
N ILE B 82 -9.90 -7.96 34.81
CA ILE B 82 -9.19 -6.87 34.19
C ILE B 82 -10.17 -5.86 33.59
N ASN B 83 -10.00 -4.60 34.01
CA ASN B 83 -10.63 -3.49 33.32
C ASN B 83 -9.79 -3.13 32.10
N HIS B 84 -8.51 -2.84 32.32
CA HIS B 84 -7.55 -2.62 31.26
C HIS B 84 -6.21 -3.22 31.67
N GLY B 85 -5.48 -3.76 30.72
CA GLY B 85 -4.14 -4.28 30.94
C GLY B 85 -3.97 -5.74 30.52
N ALA B 86 -4.89 -6.29 29.74
CA ALA B 86 -4.73 -7.65 29.23
C ALA B 86 -3.30 -7.90 28.72
N ARG B 87 -2.74 -6.95 27.95
CA ARG B 87 -1.45 -7.22 27.33
C ARG B 87 -0.33 -7.30 28.37
N ARG B 88 -0.30 -6.36 29.32
CA ARG B 88 0.65 -6.42 30.41
C ARG B 88 0.51 -7.72 31.19
N TYR B 89 -0.73 -8.15 31.32
CA TYR B 89 -1.08 -9.35 32.06
C TYR B 89 -0.49 -10.57 31.37
N ARG B 90 -0.72 -10.72 30.07
CA ARG B 90 -0.09 -11.81 29.34
C ARG B 90 1.44 -11.70 29.38
N GLY B 91 1.95 -10.51 29.03
CA GLY B 91 3.38 -10.28 29.04
C GLY B 91 4.00 -10.56 30.39
N SER B 92 3.24 -10.31 31.46
CA SER B 92 3.73 -10.57 32.80
C SER B 92 3.92 -12.08 32.96
N LYS B 93 2.94 -12.87 32.51
CA LYS B 93 3.07 -14.31 32.60
C LYS B 93 4.27 -14.80 31.80
N TRP B 94 4.39 -14.40 30.53
CA TRP B 94 5.46 -14.86 29.67
C TRP B 94 6.84 -14.52 30.24
N ALA B 95 6.92 -13.45 31.03
CA ALA B 95 8.17 -13.03 31.66
C ALA B 95 8.47 -13.86 32.91
N GLY B 96 7.45 -14.60 33.39
CA GLY B 96 7.58 -15.53 34.51
C GLY B 96 7.34 -14.84 35.85
N LYS B 97 6.35 -13.96 35.93
CA LYS B 97 6.08 -13.22 37.15
C LYS B 97 4.97 -13.92 37.91
N LYS B 98 5.03 -13.82 39.24
CA LYS B 98 4.01 -14.38 40.11
C LYS B 98 2.88 -13.35 40.22
N SER B 99 3.23 -12.06 40.27
CA SER B 99 2.28 -10.99 40.56
C SER B 99 2.37 -9.86 39.53
N ILE B 100 1.55 -8.84 39.68
CA ILE B 100 1.58 -7.69 38.79
C ILE B 100 1.02 -6.48 39.51
N PRO B 101 1.68 -5.30 39.44
CA PRO B 101 1.08 -4.07 39.96
C PRO B 101 -0.32 -3.81 39.42
N ALA B 102 -1.20 -3.34 40.31
CA ALA B 102 -2.59 -3.11 39.95
C ALA B 102 -3.24 -2.19 40.98
N PHE B 103 -4.37 -1.60 40.61
CA PHE B 103 -5.29 -1.10 41.61
C PHE B 103 -6.69 -1.49 41.19
N ILE B 104 -7.58 -1.41 42.17
CA ILE B 104 -8.95 -1.88 42.02
C ILE B 104 -9.80 -0.65 41.78
N ASP B 105 -10.66 -0.76 40.77
CA ASP B 105 -11.61 0.28 40.44
C ASP B 105 -12.87 -0.50 40.07
N ASN B 106 -13.82 -0.52 41.01
CA ASN B 106 -15.01 -1.34 40.90
C ASN B 106 -16.06 -0.60 40.08
N ASP B 107 -15.74 0.60 39.60
CA ASP B 107 -16.70 1.40 38.87
C ASP B 107 -16.20 1.58 37.45
N TYR B 108 -16.15 0.48 36.70
CA TYR B 108 -15.52 0.43 35.40
C TYR B 108 -16.35 -0.46 34.48
N ASN B 109 -17.06 0.15 33.53
CA ASN B 109 -18.02 -0.56 32.69
C ASN B 109 -17.44 -0.75 31.29
N GLU B 110 -18.25 -1.30 30.38
CA GLU B 110 -17.75 -1.71 29.06
C GLU B 110 -17.36 -0.50 28.21
N ALA B 111 -18.09 0.62 28.34
CA ALA B 111 -17.78 1.81 27.56
C ALA B 111 -16.42 2.41 27.96
N ASP B 112 -16.19 2.49 29.28
CA ASP B 112 -14.90 2.83 29.83
C ASP B 112 -13.80 1.99 29.18
N GLN B 113 -14.02 0.69 29.00
CA GLN B 113 -13.05 -0.13 28.31
C GLN B 113 -12.85 0.34 26.87
N VAL B 114 -13.97 0.59 26.15
CA VAL B 114 -13.86 0.97 24.75
C VAL B 114 -13.02 2.25 24.71
N ILE B 115 -13.43 3.21 25.56
CA ILE B 115 -12.79 4.50 25.58
C ILE B 115 -11.28 4.35 25.80
N GLU B 116 -10.88 3.54 26.76
CA GLU B 116 -9.47 3.41 27.10
C GLU B 116 -8.73 2.79 25.92
N ASN B 117 -9.31 1.77 25.30
CA ASN B 117 -8.67 1.15 24.14
C ASN B 117 -8.61 2.15 22.97
N LEU B 118 -9.64 2.99 22.78
CA LEU B 118 -9.66 3.97 21.70
C LEU B 118 -8.56 5.01 21.90
N GLN B 119 -8.42 5.47 23.14
CA GLN B 119 -7.42 6.44 23.53
C GLN B 119 -6.02 5.93 23.22
N ARG B 120 -5.84 4.60 23.13
CA ARG B 120 -4.54 3.99 22.87
C ARG B 120 -4.40 3.49 21.43
N ASN B 121 -5.42 3.75 20.60
CA ASN B 121 -5.53 3.33 19.21
C ASN B 121 -5.39 1.81 19.08
N GLU B 122 -5.96 1.08 20.05
CA GLU B 122 -5.75 -0.35 20.14
C GLU B 122 -6.83 -1.09 19.37
N LEU B 123 -7.96 -0.43 19.02
CA LEU B 123 -9.09 -1.14 18.42
C LEU B 123 -9.03 -1.06 16.90
N THR B 124 -9.18 -2.19 16.24
CA THR B 124 -9.37 -2.24 14.80
C THR B 124 -10.74 -1.68 14.42
N PRO B 125 -10.90 -1.10 13.22
CA PRO B 125 -12.22 -0.76 12.69
C PRO B 125 -13.32 -1.81 12.85
N ARG B 126 -12.97 -3.09 12.71
CA ARG B 126 -13.91 -4.19 12.86
C ARG B 126 -14.36 -4.29 14.32
N GLU B 127 -13.38 -4.13 15.24
CA GLU B 127 -13.64 -4.23 16.66
C GLU B 127 -14.61 -3.13 17.08
N ILE B 128 -14.38 -1.92 16.56
CA ILE B 128 -15.24 -0.79 16.86
C ILE B 128 -16.65 -1.00 16.28
N ALA B 129 -16.73 -1.37 15.01
CA ALA B 129 -18.01 -1.67 14.39
C ALA B 129 -18.78 -2.75 15.18
N ASP B 130 -18.07 -3.80 15.62
CA ASP B 130 -18.74 -4.91 16.31
C ASP B 130 -19.22 -4.46 17.68
N PHE B 131 -18.45 -3.56 18.33
CA PHE B 131 -18.91 -3.02 19.59
C PHE B 131 -20.19 -2.21 19.37
N ILE B 132 -20.25 -1.49 18.25
CA ILE B 132 -21.40 -0.67 17.95
C ILE B 132 -22.60 -1.56 17.60
N GLY B 133 -22.35 -2.74 16.99
CA GLY B 133 -23.39 -3.70 16.65
C GLY B 133 -24.10 -4.22 17.90
N ARG B 134 -23.29 -4.42 18.93
CA ARG B 134 -23.79 -5.03 20.15
C ARG B 134 -24.68 -4.04 20.88
N GLU B 135 -24.31 -2.77 20.80
CA GLU B 135 -25.09 -1.72 21.43
C GLU B 135 -26.37 -1.50 20.62
N LEU B 136 -26.31 -1.54 19.29
CA LEU B 136 -27.51 -1.40 18.47
C LEU B 136 -28.51 -2.52 18.78
N ALA B 137 -27.97 -3.71 19.08
CA ALA B 137 -28.71 -4.93 19.29
C ALA B 137 -29.42 -4.93 20.65
N LYS B 138 -29.07 -3.92 21.46
CA LYS B 138 -29.63 -3.67 22.77
C LYS B 138 -30.70 -2.59 22.66
N GLY B 139 -30.94 -2.16 21.43
CA GLY B 139 -31.94 -1.14 21.16
C GLY B 139 -31.42 0.27 21.40
N LYS B 140 -30.13 0.45 21.66
CA LYS B 140 -29.56 1.77 21.79
C LYS B 140 -29.51 2.39 20.39
N LYS B 141 -29.45 3.73 20.42
CA LYS B 141 -29.54 4.59 19.25
C LYS B 141 -28.14 5.16 19.01
N LYS B 142 -27.78 5.40 17.75
CA LYS B 142 -26.45 5.87 17.38
C LYS B 142 -26.04 7.10 18.21
N GLY B 143 -26.91 8.09 18.31
CA GLY B 143 -26.73 9.22 19.22
C GLY B 143 -25.98 8.85 20.49
N ASP B 144 -26.51 7.86 21.22
CA ASP B 144 -26.11 7.59 22.60
C ASP B 144 -24.91 6.66 22.63
N ILE B 145 -24.69 5.92 21.54
CA ILE B 145 -23.50 5.09 21.45
C ILE B 145 -22.31 6.02 21.23
N ALA B 146 -22.51 7.03 20.38
CA ALA B 146 -21.54 8.10 20.19
C ALA B 146 -21.21 8.77 21.50
N LYS B 147 -22.23 9.20 22.22
CA LYS B 147 -22.00 9.81 23.52
C LYS B 147 -21.17 8.88 24.41
N GLU B 148 -21.47 7.58 24.45
CA GLU B 148 -20.96 6.77 25.53
C GLU B 148 -19.47 6.46 25.27
N ILE B 149 -19.00 6.51 24.02
CA ILE B 149 -17.58 6.34 23.73
C ILE B 149 -16.93 7.68 23.35
N GLY B 150 -17.64 8.81 23.55
CA GLY B 150 -17.05 10.13 23.39
C GLY B 150 -16.59 10.39 21.97
N LYS B 151 -17.45 10.12 21.00
CA LYS B 151 -17.12 10.21 19.60
C LYS B 151 -18.28 10.89 18.91
N SER B 152 -18.10 11.17 17.62
CA SER B 152 -19.06 11.93 16.85
C SER B 152 -20.08 10.99 16.19
N PRO B 153 -21.31 11.46 15.95
CA PRO B 153 -22.27 10.70 15.15
C PRO B 153 -21.64 10.14 13.88
N ALA B 154 -20.76 10.94 13.27
CA ALA B 154 -20.20 10.60 11.98
C ALA B 154 -19.27 9.40 12.14
N PHE B 155 -18.53 9.37 13.26
CA PHE B 155 -17.67 8.23 13.57
C PHE B 155 -18.50 6.96 13.64
N ILE B 156 -19.69 7.05 14.26
CA ILE B 156 -20.51 5.87 14.45
C ILE B 156 -20.98 5.41 13.07
N THR B 157 -21.50 6.36 12.28
CA THR B 157 -22.07 6.05 10.98
C THR B 157 -21.03 5.34 10.12
N GLN B 158 -19.79 5.86 10.10
N GLN B 158 -19.77 5.84 10.16
CA GLN B 158 -18.78 5.31 9.23
CA GLN B 158 -18.74 5.36 9.25
C GLN B 158 -18.53 3.85 9.59
C GLN B 158 -18.37 3.91 9.61
N HIS B 159 -18.44 3.58 10.90
CA HIS B 159 -18.23 2.21 11.34
C HIS B 159 -19.47 1.33 11.15
N VAL B 160 -20.70 1.91 11.13
CA VAL B 160 -21.89 1.09 10.94
C VAL B 160 -21.87 0.43 9.55
N THR B 161 -21.42 1.16 8.53
CA THR B 161 -21.21 0.61 7.18
C THR B 161 -20.56 -0.77 7.17
N LEU B 162 -19.62 -1.01 8.11
CA LEU B 162 -18.87 -2.25 8.16
C LEU B 162 -19.74 -3.42 8.60
N LEU B 163 -20.86 -3.17 9.28
CA LEU B 163 -21.67 -4.26 9.79
C LEU B 163 -22.46 -4.96 8.69
N ASP B 164 -22.42 -4.48 7.44
CA ASP B 164 -23.24 -5.11 6.41
C ASP B 164 -22.69 -4.88 5.01
N LEU B 165 -21.46 -5.40 4.79
CA LEU B 165 -20.67 -5.08 3.62
C LEU B 165 -21.02 -6.04 2.51
N PRO B 166 -21.02 -5.58 1.24
CA PRO B 166 -21.14 -6.50 0.11
C PRO B 166 -20.01 -7.52 0.15
N GLU B 167 -20.24 -8.68 -0.46
CA GLU B 167 -19.41 -9.83 -0.18
C GLU B 167 -17.94 -9.51 -0.49
N LYS B 168 -17.68 -9.07 -1.73
CA LYS B 168 -16.31 -8.88 -2.17
C LYS B 168 -15.63 -7.77 -1.35
N ILE B 169 -16.34 -6.69 -1.03
CA ILE B 169 -15.73 -5.62 -0.25
C ILE B 169 -15.39 -6.14 1.13
N ALA B 170 -16.22 -7.06 1.63
CA ALA B 170 -15.97 -7.66 2.92
C ALA B 170 -14.64 -8.41 2.90
N ASP B 171 -14.47 -9.25 1.86
CA ASP B 171 -13.27 -10.07 1.76
C ASP B 171 -12.03 -9.18 1.76
N ALA B 172 -12.12 -8.06 1.04
CA ALA B 172 -11.02 -7.13 0.92
C ALA B 172 -10.68 -6.54 2.29
N PHE B 173 -11.73 -6.26 3.08
CA PHE B 173 -11.55 -5.66 4.38
C PHE B 173 -10.97 -6.69 5.36
N ASN B 174 -11.45 -7.94 5.31
CA ASN B 174 -11.01 -8.97 6.26
C ASN B 174 -9.60 -9.44 5.94
N THR B 175 -9.31 -9.68 4.64
CA THR B 175 -7.94 -9.98 4.24
C THR B 175 -7.03 -8.75 4.46
N GLY B 176 -7.60 -7.58 4.78
CA GLY B 176 -6.78 -6.43 5.14
C GLY B 176 -6.22 -5.67 3.94
N ARG B 177 -6.67 -6.00 2.71
CA ARG B 177 -6.39 -5.23 1.52
C ARG B 177 -6.78 -3.76 1.67
N VAL B 178 -7.83 -3.51 2.45
CA VAL B 178 -8.20 -2.16 2.79
C VAL B 178 -8.48 -2.18 4.29
N ARG B 179 -8.00 -1.13 4.98
CA ARG B 179 -8.13 -1.08 6.43
C ARG B 179 -8.76 0.23 6.84
N ASP B 180 -8.53 1.30 6.06
CA ASP B 180 -9.08 2.62 6.33
C ASP B 180 -10.62 2.64 6.17
N VAL B 181 -11.32 2.91 7.25
CA VAL B 181 -12.76 2.89 7.21
C VAL B 181 -13.31 3.90 6.19
N THR B 182 -12.59 4.99 5.89
CA THR B 182 -13.16 5.99 4.98
C THR B 182 -13.05 5.51 3.53
N VAL B 183 -12.02 4.75 3.21
CA VAL B 183 -11.91 4.16 1.88
C VAL B 183 -12.99 3.08 1.71
N VAL B 184 -13.25 2.31 2.76
CA VAL B 184 -14.25 1.27 2.67
C VAL B 184 -15.60 1.90 2.36
N ASN B 185 -15.83 3.05 2.98
CA ASN B 185 -17.04 3.81 2.72
C ASN B 185 -17.11 4.23 1.27
N GLU B 186 -15.97 4.70 0.74
CA GLU B 186 -15.93 5.18 -0.63
C GLU B 186 -16.22 4.03 -1.59
N LEU B 187 -15.71 2.83 -1.27
CA LEU B 187 -15.89 1.64 -2.09
C LEU B 187 -17.34 1.24 -2.20
N VAL B 188 -18.04 1.26 -1.05
CA VAL B 188 -19.41 0.78 -0.98
C VAL B 188 -20.29 1.71 -1.81
N THR B 189 -20.16 3.03 -1.64
CA THR B 189 -20.85 3.98 -2.50
C THR B 189 -20.66 3.63 -3.97
N ALA B 190 -19.41 3.42 -4.38
CA ALA B 190 -19.10 3.11 -5.76
C ALA B 190 -19.78 1.79 -6.15
N PHE B 191 -19.81 0.82 -5.24
CA PHE B 191 -20.33 -0.50 -5.54
C PHE B 191 -21.86 -0.53 -5.59
N LYS B 192 -22.50 0.39 -4.88
CA LYS B 192 -23.95 0.51 -4.90
C LYS B 192 -24.40 0.95 -6.29
N LYS B 193 -23.55 1.71 -6.99
CA LYS B 193 -23.91 2.26 -8.30
C LYS B 193 -23.51 1.33 -9.44
N ARG B 194 -22.32 0.70 -9.37
CA ARG B 194 -21.80 -0.06 -10.50
C ARG B 194 -21.11 -1.32 -10.00
N PRO B 195 -21.88 -2.31 -9.51
CA PRO B 195 -21.31 -3.44 -8.77
C PRO B 195 -20.39 -4.36 -9.55
N GLU B 196 -20.82 -4.77 -10.74
CA GLU B 196 -20.04 -5.76 -11.47
C GLU B 196 -18.66 -5.15 -11.75
N GLU B 197 -18.59 -3.87 -12.17
CA GLU B 197 -17.30 -3.22 -12.38
C GLU B 197 -16.47 -3.18 -11.10
N VAL B 198 -17.08 -2.79 -9.97
CA VAL B 198 -16.34 -2.75 -8.74
C VAL B 198 -15.80 -4.15 -8.43
N GLU B 199 -16.57 -5.20 -8.73
CA GLU B 199 -16.13 -6.55 -8.43
C GLU B 199 -14.96 -6.96 -9.31
N ALA B 200 -14.92 -6.48 -10.56
CA ALA B 200 -13.85 -6.84 -11.48
C ALA B 200 -12.53 -6.24 -10.98
N TRP B 201 -12.61 -4.97 -10.58
CA TRP B 201 -11.53 -4.21 -9.98
C TRP B 201 -10.91 -4.94 -8.78
N LEU B 202 -11.78 -5.47 -7.90
CA LEU B 202 -11.35 -6.18 -6.70
C LEU B 202 -10.85 -7.59 -7.03
N ASP B 203 -11.33 -8.15 -8.14
CA ASP B 203 -10.99 -9.52 -8.53
C ASP B 203 -9.57 -9.55 -9.09
N ASP B 204 -8.92 -8.38 -9.23
CA ASP B 204 -7.52 -8.35 -9.64
C ASP B 204 -6.68 -8.32 -8.37
N ASP B 205 -5.91 -9.39 -8.13
CA ASP B 205 -5.08 -9.52 -6.93
C ASP B 205 -4.04 -8.42 -6.83
N THR B 206 -3.64 -7.80 -7.96
CA THR B 206 -2.55 -6.84 -7.92
C THR B 206 -3.04 -5.42 -7.62
N GLN B 207 -4.36 -5.21 -7.48
CA GLN B 207 -4.91 -3.88 -7.32
C GLN B 207 -4.90 -3.46 -5.85
N GLU B 208 -4.10 -2.45 -5.58
CA GLU B 208 -3.96 -1.82 -4.29
C GLU B 208 -5.20 -0.96 -4.08
N ILE B 209 -5.73 -0.94 -2.85
CA ILE B 209 -6.95 -0.19 -2.55
C ILE B 209 -6.59 0.97 -1.65
N THR B 210 -6.66 2.17 -2.18
CA THR B 210 -6.31 3.37 -1.42
C THR B 210 -7.18 4.54 -1.82
N ARG B 211 -7.11 5.64 -1.07
CA ARG B 211 -7.89 6.80 -1.45
C ARG B 211 -7.70 7.11 -2.94
N GLY B 212 -6.46 6.96 -3.42
CA GLY B 212 -6.09 7.39 -4.76
C GLY B 212 -6.51 6.42 -5.85
N THR B 213 -6.35 5.11 -5.58
CA THR B 213 -6.76 4.10 -6.53
C THR B 213 -8.27 4.10 -6.63
N VAL B 214 -8.95 4.28 -5.50
CA VAL B 214 -10.40 4.32 -5.52
C VAL B 214 -10.84 5.54 -6.30
N LYS B 215 -10.10 6.64 -6.16
CA LYS B 215 -10.42 7.86 -6.88
C LYS B 215 -10.40 7.58 -8.38
N LEU B 216 -9.38 6.86 -8.85
CA LEU B 216 -9.25 6.51 -10.26
C LEU B 216 -10.40 5.59 -10.68
N LEU B 217 -10.79 4.67 -9.80
CA LEU B 217 -11.93 3.82 -10.09
C LEU B 217 -13.15 4.70 -10.37
N ARG B 218 -13.46 5.66 -9.48
CA ARG B 218 -14.62 6.52 -9.67
C ARG B 218 -14.53 7.28 -10.97
N GLU B 219 -13.35 7.76 -11.33
CA GLU B 219 -13.22 8.54 -12.54
C GLU B 219 -13.55 7.68 -13.76
N PHE B 220 -13.07 6.44 -13.72
CA PHE B 220 -13.33 5.43 -14.74
C PHE B 220 -14.82 5.14 -14.87
N LEU B 221 -15.49 4.91 -13.74
CA LEU B 221 -16.92 4.69 -13.73
C LEU B 221 -17.68 5.85 -14.33
N ASP B 222 -17.30 7.10 -13.99
CA ASP B 222 -17.95 8.29 -14.52
C ASP B 222 -17.73 8.39 -16.02
N GLU B 223 -16.60 7.88 -16.53
CA GLU B 223 -16.36 7.88 -17.96
C GLU B 223 -17.27 6.87 -18.68
N LYS B 224 -17.74 5.83 -17.96
CA LYS B 224 -18.59 4.82 -18.56
C LYS B 224 -20.06 5.23 -18.49
N LYS B 225 -20.49 5.72 -17.33
CA LYS B 225 -21.85 6.21 -17.10
C LYS B 225 -22.27 7.19 -18.20
N LEU B 226 -21.34 8.06 -18.60
CA LEU B 226 -21.57 9.17 -19.52
C LEU B 226 -21.44 8.72 -20.99
N ALA B 227 -20.90 7.53 -21.27
CA ALA B 227 -21.06 6.92 -22.59
C ALA B 227 -22.23 5.92 -22.57
N ALA B 228 -22.84 5.70 -21.38
CA ALA B 228 -24.06 4.92 -21.20
C ALA B 228 -25.31 5.73 -21.59
N ALA B 229 -25.33 7.03 -21.25
CA ALA B 229 -26.42 7.91 -21.61
C ALA B 229 -26.20 8.59 -22.97
N LEU B 230 -24.94 8.84 -23.38
CA LEU B 230 -24.61 9.34 -24.71
C LEU B 230 -23.61 8.38 -25.37
N LYS C 2 5.09 14.30 -47.29
CA LYS C 2 5.48 12.87 -47.14
C LYS C 2 6.27 12.67 -45.83
N LYS C 3 6.93 11.52 -45.78
CA LYS C 3 7.89 11.21 -44.73
C LYS C 3 9.27 11.50 -45.33
N ARG C 4 9.97 12.44 -44.68
CA ARG C 4 11.33 12.81 -45.04
C ARG C 4 12.16 12.82 -43.78
N LEU C 5 13.44 12.47 -43.94
CA LEU C 5 14.45 12.62 -42.91
C LEU C 5 15.65 13.42 -43.43
N THR C 6 16.40 14.01 -42.50
CA THR C 6 17.71 14.54 -42.76
C THR C 6 18.71 13.39 -42.61
N GLU C 7 19.93 13.61 -43.15
CA GLU C 7 20.96 12.58 -43.12
C GLU C 7 21.25 12.25 -41.66
N SER C 8 21.27 13.25 -40.76
CA SER C 8 21.62 12.96 -39.38
C SER C 8 20.50 12.16 -38.70
N GLN C 9 19.24 12.52 -38.98
CA GLN C 9 18.08 11.81 -38.46
C GLN C 9 18.10 10.35 -38.93
N PHE C 10 18.42 10.17 -40.22
CA PHE C 10 18.53 8.87 -40.82
C PHE C 10 19.63 8.05 -40.16
N GLN C 11 20.75 8.70 -39.86
CA GLN C 11 21.91 8.04 -39.32
C GLN C 11 21.51 7.34 -38.02
N GLU C 12 20.72 8.09 -37.24
CA GLU C 12 20.34 7.72 -35.90
C GLU C 12 19.34 6.55 -35.96
N ALA C 13 18.48 6.55 -36.99
CA ALA C 13 17.47 5.53 -37.16
C ALA C 13 18.08 4.16 -37.50
N ILE C 14 19.19 4.15 -38.22
CA ILE C 14 19.73 2.88 -38.66
C ILE C 14 20.79 2.40 -37.70
N GLN C 15 21.02 3.16 -36.62
CA GLN C 15 22.06 2.79 -35.68
C GLN C 15 21.61 1.55 -34.90
N GLY C 16 22.36 0.46 -35.12
CA GLY C 16 22.03 -0.83 -34.54
C GLY C 16 20.68 -1.36 -35.02
N LEU C 17 20.25 -1.00 -36.23
CA LEU C 17 19.14 -1.66 -36.87
C LEU C 17 19.66 -2.89 -37.60
N GLU C 18 19.04 -4.07 -37.44
CA GLU C 18 19.52 -5.24 -38.15
C GLU C 18 18.99 -5.19 -39.59
N VAL C 19 19.67 -4.46 -40.50
CA VAL C 19 19.21 -4.40 -41.89
C VAL C 19 20.40 -4.31 -42.81
N GLY C 20 20.23 -4.88 -43.99
CA GLY C 20 21.31 -4.97 -44.96
C GLY C 20 21.39 -3.73 -45.83
N GLN C 21 22.24 -3.81 -46.84
CA GLN C 21 22.74 -2.65 -47.57
C GLN C 21 21.59 -2.02 -48.34
N GLN C 22 20.85 -2.90 -49.01
CA GLN C 22 19.83 -2.53 -49.97
C GLN C 22 18.71 -1.76 -49.29
N THR C 23 18.27 -2.23 -48.12
CA THR C 23 17.25 -1.51 -47.37
C THR C 23 17.77 -0.12 -47.04
N ILE C 24 19.02 -0.01 -46.61
CA ILE C 24 19.58 1.29 -46.30
C ILE C 24 19.55 2.14 -47.59
N GLU C 25 20.02 1.57 -48.69
CA GLU C 25 20.11 2.32 -49.94
C GLU C 25 18.71 2.86 -50.30
N ILE C 26 17.69 2.00 -50.20
CA ILE C 26 16.33 2.35 -50.60
C ILE C 26 15.80 3.46 -49.70
N ALA C 27 15.90 3.25 -48.39
CA ALA C 27 15.42 4.19 -47.39
C ALA C 27 16.10 5.55 -47.52
N ARG C 28 17.42 5.59 -47.69
CA ARG C 28 18.09 6.86 -47.80
C ARG C 28 17.61 7.57 -49.07
N GLY C 29 17.56 6.81 -50.15
CA GLY C 29 17.03 7.35 -51.40
C GLY C 29 15.71 8.06 -51.18
N VAL C 30 14.80 7.42 -50.42
CA VAL C 30 13.42 7.86 -50.37
C VAL C 30 13.24 8.87 -49.23
N LEU C 31 13.68 8.52 -48.03
CA LEU C 31 13.41 9.34 -46.86
C LEU C 31 14.30 10.58 -46.88
N VAL C 32 15.55 10.41 -47.32
CA VAL C 32 16.49 11.51 -47.26
C VAL C 32 16.51 12.29 -48.58
N ASP C 33 16.72 11.58 -49.69
CA ASP C 33 16.93 12.24 -50.97
C ASP C 33 15.58 12.55 -51.64
N GLY C 34 14.48 12.03 -51.12
CA GLY C 34 13.19 12.35 -51.69
C GLY C 34 12.94 11.70 -53.05
N LYS C 35 13.66 10.61 -53.35
CA LYS C 35 13.42 9.89 -54.60
C LYS C 35 12.19 9.01 -54.48
N PRO C 36 11.39 8.84 -55.57
CA PRO C 36 10.16 8.06 -55.50
C PRO C 36 10.47 6.56 -55.44
N GLN C 37 9.69 5.83 -54.64
CA GLN C 37 9.95 4.42 -54.40
C GLN C 37 10.04 3.63 -55.70
N ALA C 38 9.19 3.95 -56.70
CA ALA C 38 9.18 3.20 -57.94
C ALA C 38 10.56 3.19 -58.62
N THR C 39 11.37 4.24 -58.46
CA THR C 39 12.67 4.25 -59.14
C THR C 39 13.47 3.02 -58.68
N PHE C 40 13.40 2.72 -57.38
CA PHE C 40 14.18 1.63 -56.81
C PHE C 40 13.59 0.27 -57.18
N ALA C 41 12.26 0.21 -57.16
CA ALA C 41 11.54 -0.96 -57.63
C ALA C 41 12.05 -1.29 -59.02
N THR C 42 12.10 -0.31 -59.93
CA THR C 42 12.45 -0.59 -61.32
C THR C 42 13.92 -0.98 -61.39
N SER C 43 14.77 -0.26 -60.67
CA SER C 43 16.19 -0.47 -60.87
C SER C 43 16.70 -1.70 -60.12
N LEU C 44 16.10 -2.10 -59.00
CA LEU C 44 16.57 -3.28 -58.31
C LEU C 44 15.70 -4.49 -58.67
N GLY C 45 14.69 -4.29 -59.52
CA GLY C 45 13.84 -5.39 -59.95
C GLY C 45 13.10 -6.02 -58.78
N LEU C 46 12.38 -5.18 -58.03
CA LEU C 46 11.66 -5.60 -56.85
C LEU C 46 10.22 -5.17 -57.03
N THR C 47 9.33 -5.82 -56.29
CA THR C 47 7.93 -5.42 -56.29
C THR C 47 7.74 -4.12 -55.51
N ARG C 48 6.67 -3.39 -55.79
CA ARG C 48 6.47 -2.10 -55.13
C ARG C 48 6.33 -2.35 -53.64
N GLY C 49 5.83 -3.53 -53.29
CA GLY C 49 5.65 -3.93 -51.91
C GLY C 49 6.98 -4.11 -51.15
N ALA C 50 7.98 -4.71 -51.79
CA ALA C 50 9.29 -4.81 -51.17
C ALA C 50 9.80 -3.44 -50.77
N VAL C 51 9.70 -2.48 -51.69
CA VAL C 51 10.29 -1.17 -51.49
C VAL C 51 9.57 -0.44 -50.36
N SER C 52 8.25 -0.61 -50.31
CA SER C 52 7.42 -0.01 -49.29
C SER C 52 7.81 -0.52 -47.90
N GLN C 53 8.03 -1.82 -47.84
CA GLN C 53 8.42 -2.51 -46.60
C GLN C 53 9.77 -1.99 -46.13
N ALA C 54 10.72 -1.78 -47.08
CA ALA C 54 12.07 -1.38 -46.74
C ALA C 54 12.04 0.01 -46.12
N VAL C 55 11.28 0.93 -46.75
CA VAL C 55 11.18 2.31 -46.29
C VAL C 55 10.60 2.27 -44.88
N HIS C 56 9.61 1.37 -44.70
CA HIS C 56 8.79 1.35 -43.51
C HIS C 56 9.65 0.92 -42.33
N ARG C 57 10.55 -0.06 -42.54
CA ARG C 57 11.42 -0.57 -41.50
C ARG C 57 12.20 0.59 -40.89
N VAL C 58 12.82 1.40 -41.77
CA VAL C 58 13.72 2.45 -41.33
C VAL C 58 12.88 3.53 -40.64
N TRP C 59 11.76 3.89 -41.26
CA TRP C 59 10.89 4.93 -40.73
C TRP C 59 10.39 4.58 -39.33
N ALA C 60 9.97 3.33 -39.13
CA ALA C 60 9.58 2.89 -37.81
C ALA C 60 10.75 3.04 -36.84
N ALA C 61 11.91 2.48 -37.21
CA ALA C 61 13.11 2.60 -36.40
C ALA C 61 13.28 4.05 -35.95
N PHE C 62 13.11 4.98 -36.89
CA PHE C 62 13.25 6.38 -36.55
C PHE C 62 12.28 6.79 -35.45
N GLU C 63 10.98 6.47 -35.63
CA GLU C 63 9.98 6.91 -34.67
C GLU C 63 10.27 6.35 -33.28
N ASP C 64 10.86 5.15 -33.23
CA ASP C 64 11.17 4.55 -31.94
C ASP C 64 12.28 5.32 -31.24
N LYS C 65 13.34 5.67 -31.97
CA LYS C 65 14.46 6.38 -31.35
C LYS C 65 14.09 7.85 -31.07
N ASN C 66 13.08 8.37 -31.74
CA ASN C 66 12.73 9.77 -31.62
C ASN C 66 11.83 10.07 -30.40
N LEU C 67 11.39 9.03 -29.67
CA LEU C 67 10.53 9.21 -28.50
C LEU C 67 11.37 9.84 -27.39
N PRO C 68 10.83 10.82 -26.61
CA PRO C 68 11.66 11.48 -25.58
C PRO C 68 12.26 10.45 -24.62
N GLU C 69 13.51 10.67 -24.18
CA GLU C 69 14.24 9.71 -23.34
C GLU C 69 13.56 9.63 -21.98
N GLY C 70 13.44 8.42 -21.43
CA GLY C 70 12.57 8.13 -20.30
C GLY C 70 11.13 7.82 -20.71
N TYR C 71 10.86 7.76 -22.02
CA TYR C 71 9.56 7.31 -22.50
C TYR C 71 9.74 6.07 -23.37
N ALA C 72 8.62 5.37 -23.62
CA ALA C 72 8.58 4.16 -24.43
C ALA C 72 7.17 4.00 -25.01
N ARG C 73 7.05 3.54 -26.26
CA ARG C 73 5.79 3.08 -26.79
C ARG C 73 5.48 1.76 -26.09
N VAL C 74 4.25 1.57 -25.68
CA VAL C 74 3.82 0.24 -25.30
C VAL C 74 2.45 0.03 -25.94
N THR C 75 2.20 -1.22 -26.30
CA THR C 75 0.92 -1.63 -26.85
C THR C 75 0.46 -2.85 -26.09
N ALA C 76 -0.83 -2.93 -25.80
CA ALA C 76 -1.32 -4.05 -25.06
C ALA C 76 -2.83 -4.11 -25.11
N VAL C 77 -3.33 -5.28 -24.71
CA VAL C 77 -4.73 -5.56 -24.62
C VAL C 77 -5.00 -5.64 -23.13
N LEU C 78 -5.85 -4.71 -22.69
CA LEU C 78 -6.06 -4.47 -21.29
C LEU C 78 -7.56 -4.45 -20.94
N PRO C 79 -7.88 -4.87 -19.70
CA PRO C 79 -9.18 -4.61 -19.10
C PRO C 79 -9.52 -3.14 -19.31
N GLU C 80 -10.81 -2.83 -19.41
CA GLU C 80 -11.29 -1.46 -19.60
C GLU C 80 -10.67 -0.48 -18.60
N HIS C 81 -10.60 -0.87 -17.31
N HIS C 81 -10.61 -0.84 -17.31
CA HIS C 81 -10.15 0.00 -16.23
CA HIS C 81 -10.15 0.05 -16.26
C HIS C 81 -8.68 0.39 -16.38
C HIS C 81 -8.67 0.41 -16.39
N GLN C 82 -7.86 -0.57 -16.77
CA GLN C 82 -6.46 -0.33 -17.05
C GLN C 82 -6.34 0.51 -18.32
N ALA C 83 -7.28 0.35 -19.25
CA ALA C 83 -7.29 1.17 -20.45
C ALA C 83 -7.38 2.64 -20.05
N TYR C 84 -8.33 2.94 -19.17
CA TYR C 84 -8.57 4.30 -18.71
C TYR C 84 -7.26 4.87 -18.15
N ILE C 85 -6.61 4.11 -17.27
CA ILE C 85 -5.43 4.58 -16.59
C ILE C 85 -4.33 4.89 -17.59
N VAL C 86 -4.14 4.00 -18.56
CA VAL C 86 -3.06 4.20 -19.52
C VAL C 86 -3.33 5.51 -20.25
N ARG C 87 -4.60 5.80 -20.53
CA ARG C 87 -4.98 7.00 -21.25
C ARG C 87 -4.74 8.23 -20.37
N LYS C 88 -5.17 8.16 -19.10
CA LYS C 88 -4.92 9.27 -18.17
C LYS C 88 -3.41 9.50 -18.07
N TRP C 89 -2.60 8.43 -18.01
CA TRP C 89 -1.16 8.60 -17.91
C TRP C 89 -0.63 9.37 -19.13
N GLU C 90 -1.20 9.09 -20.30
CA GLU C 90 -0.66 9.63 -21.53
C GLU C 90 -0.89 11.15 -21.54
N ALA C 91 -2.10 11.55 -21.19
CA ALA C 91 -2.44 12.95 -21.13
C ALA C 91 -1.46 13.70 -20.23
N ASP C 92 -1.25 13.19 -19.01
CA ASP C 92 -0.45 13.89 -18.01
C ASP C 92 0.98 13.97 -18.52
N ALA C 93 1.36 12.96 -19.31
CA ALA C 93 2.70 12.88 -19.87
C ALA C 93 2.87 13.87 -21.02
N LYS C 94 1.86 14.01 -21.89
CA LYS C 94 2.01 14.95 -22.99
C LYS C 94 1.98 16.37 -22.42
N LYS C 95 1.27 16.64 -21.32
CA LYS C 95 1.41 17.94 -20.68
C LYS C 95 2.83 18.21 -20.20
N LYS C 96 3.51 17.22 -19.60
CA LYS C 96 4.82 17.47 -19.02
C LYS C 96 5.83 17.71 -20.12
N GLN C 97 5.61 17.12 -21.31
CA GLN C 97 6.49 17.34 -22.44
C GLN C 97 6.25 18.70 -23.08
N GLU C 98 5.00 19.17 -23.09
CA GLU C 98 4.70 20.53 -23.52
C GLU C 98 5.43 21.53 -22.60
N THR C 99 5.51 21.26 -21.29
CA THR C 99 6.23 22.15 -20.38
C THR C 99 7.73 22.05 -20.59
N LYS C 100 8.26 20.86 -20.95
CA LYS C 100 9.68 20.68 -21.26
C LYS C 100 10.05 21.40 -22.56
N ARG C 101 9.23 21.23 -23.62
CA ARG C 101 9.42 21.89 -24.91
C ARG C 101 9.33 23.41 -24.74
N LYS C 102 8.22 23.90 -24.18
CA LYS C 102 7.98 25.34 -24.10
C LYS C 102 9.04 25.98 -23.20
N LEU C 103 9.78 25.17 -22.43
CA LEU C 103 10.81 25.66 -21.51
C LEU C 103 12.16 25.78 -22.22
N ALA C 104 12.52 24.76 -23.01
CA ALA C 104 13.72 24.85 -23.83
C ALA C 104 13.60 26.05 -24.74
N ALA C 105 12.44 26.13 -25.42
CA ALA C 105 12.12 27.17 -26.39
C ALA C 105 12.17 28.55 -25.74
N ALA C 106 11.77 28.65 -24.45
CA ALA C 106 11.76 29.92 -23.75
C ALA C 106 13.17 30.32 -23.34
N LEU C 107 14.04 29.33 -23.07
CA LEU C 107 15.42 29.62 -22.69
C LEU C 107 16.27 29.90 -23.94
N GLU C 108 16.14 29.07 -24.99
CA GLU C 108 16.89 29.23 -26.23
C GLU C 108 15.93 29.19 -27.44
N LYS D 2 3.44 -26.31 -27.09
CA LYS D 2 2.55 -27.29 -27.79
C LYS D 2 1.19 -27.24 -27.07
N LYS D 3 0.15 -26.95 -27.87
CA LYS D 3 -1.12 -26.46 -27.37
C LYS D 3 -2.16 -26.77 -28.43
N ARG D 4 -3.41 -26.88 -27.99
CA ARG D 4 -4.46 -27.57 -28.71
C ARG D 4 -5.72 -26.75 -28.60
N LEU D 5 -6.60 -26.94 -29.57
CA LEU D 5 -7.94 -26.38 -29.52
C LEU D 5 -8.95 -27.49 -29.70
N THR D 6 -10.07 -27.31 -29.02
CA THR D 6 -11.23 -28.11 -29.30
C THR D 6 -11.77 -27.69 -30.66
N GLU D 7 -12.63 -28.55 -31.22
CA GLU D 7 -13.24 -28.31 -32.51
C GLU D 7 -13.91 -26.94 -32.49
N SER D 8 -14.69 -26.72 -31.45
CA SER D 8 -15.51 -25.53 -31.42
C SER D 8 -14.60 -24.31 -31.24
N GLN D 9 -13.55 -24.42 -30.41
CA GLN D 9 -12.59 -23.33 -30.24
C GLN D 9 -11.88 -23.01 -31.56
N PHE D 10 -11.50 -24.05 -32.29
CA PHE D 10 -10.90 -23.89 -33.61
C PHE D 10 -11.86 -23.20 -34.56
N GLN D 11 -13.11 -23.59 -34.51
CA GLN D 11 -14.04 -23.08 -35.49
C GLN D 11 -14.20 -21.59 -35.28
N GLU D 12 -14.15 -21.17 -34.01
CA GLU D 12 -14.38 -19.80 -33.60
C GLU D 12 -13.17 -18.95 -34.03
N ALA D 13 -11.97 -19.55 -33.99
CA ALA D 13 -10.74 -18.87 -34.39
C ALA D 13 -10.72 -18.57 -35.89
N ILE D 14 -11.30 -19.45 -36.72
CA ILE D 14 -11.19 -19.27 -38.16
C ILE D 14 -12.39 -18.51 -38.67
N GLN D 15 -13.32 -18.13 -37.80
CA GLN D 15 -14.56 -17.53 -38.25
C GLN D 15 -14.26 -16.10 -38.68
N GLY D 16 -14.41 -15.87 -39.97
CA GLY D 16 -14.09 -14.57 -40.52
C GLY D 16 -12.60 -14.30 -40.62
N LEU D 17 -11.72 -15.33 -40.50
CA LEU D 17 -10.29 -15.11 -40.62
C LEU D 17 -9.90 -15.14 -42.09
N GLU D 18 -9.19 -14.12 -42.60
CA GLU D 18 -8.82 -14.09 -44.01
C GLU D 18 -7.60 -14.99 -44.21
N VAL D 19 -7.80 -16.30 -44.40
CA VAL D 19 -6.68 -17.20 -44.65
C VAL D 19 -7.18 -18.28 -45.59
N GLY D 20 -6.27 -18.87 -46.37
CA GLY D 20 -6.65 -19.86 -47.35
C GLY D 20 -6.87 -21.24 -46.73
N GLN D 21 -7.23 -22.20 -47.60
CA GLN D 21 -7.54 -23.57 -47.19
C GLN D 21 -6.36 -24.23 -46.49
N GLN D 22 -5.15 -24.09 -47.06
CA GLN D 22 -3.97 -24.81 -46.59
C GLN D 22 -3.65 -24.42 -45.15
N THR D 23 -3.74 -23.11 -44.82
CA THR D 23 -3.50 -22.71 -43.44
C THR D 23 -4.52 -23.36 -42.53
N ILE D 24 -5.78 -23.39 -42.95
CA ILE D 24 -6.82 -24.03 -42.17
C ILE D 24 -6.46 -25.51 -41.98
N GLU D 25 -6.08 -26.17 -43.08
CA GLU D 25 -5.77 -27.60 -43.02
C GLU D 25 -4.61 -27.86 -42.07
N ILE D 26 -3.57 -27.03 -42.13
CA ILE D 26 -2.41 -27.21 -41.28
C ILE D 26 -2.77 -27.00 -39.82
N ALA D 27 -3.44 -25.89 -39.53
CA ALA D 27 -3.87 -25.59 -38.18
C ALA D 27 -4.76 -26.68 -37.57
N ARG D 28 -5.74 -27.18 -38.34
CA ARG D 28 -6.62 -28.23 -37.84
C ARG D 28 -5.80 -29.46 -37.46
N GLY D 29 -4.93 -29.85 -38.39
CA GLY D 29 -4.04 -30.97 -38.14
C GLY D 29 -3.31 -30.84 -36.82
N VAL D 30 -2.81 -29.65 -36.53
CA VAL D 30 -1.87 -29.47 -35.44
C VAL D 30 -2.60 -29.16 -34.15
N LEU D 31 -3.49 -28.16 -34.17
CA LEU D 31 -4.11 -27.68 -32.96
C LEU D 31 -5.28 -28.59 -32.55
N VAL D 32 -5.99 -29.18 -33.51
CA VAL D 32 -7.11 -30.02 -33.17
C VAL D 32 -6.70 -31.49 -33.11
N ASP D 33 -6.05 -31.98 -34.18
CA ASP D 33 -5.77 -33.40 -34.33
C ASP D 33 -4.45 -33.74 -33.65
N GLY D 34 -3.72 -32.75 -33.15
CA GLY D 34 -2.53 -33.04 -32.36
C GLY D 34 -1.38 -33.61 -33.17
N LYS D 35 -1.42 -33.43 -34.50
CA LYS D 35 -0.34 -33.91 -35.34
C LYS D 35 0.81 -32.91 -35.33
N PRO D 36 2.08 -33.36 -35.45
CA PRO D 36 3.22 -32.45 -35.35
C PRO D 36 3.38 -31.65 -36.64
N GLN D 37 3.80 -30.39 -36.50
CA GLN D 37 3.95 -29.49 -37.64
C GLN D 37 4.88 -30.08 -38.71
N ALA D 38 5.95 -30.77 -38.32
CA ALA D 38 6.85 -31.28 -39.33
C ALA D 38 6.12 -32.20 -40.34
N THR D 39 5.08 -32.92 -39.93
CA THR D 39 4.30 -33.75 -40.84
C THR D 39 3.94 -32.95 -42.09
N PHE D 40 3.43 -31.74 -41.85
CA PHE D 40 2.87 -30.92 -42.92
C PHE D 40 3.97 -30.29 -43.77
N ALA D 41 5.02 -29.86 -43.07
CA ALA D 41 6.20 -29.37 -43.73
C ALA D 41 6.65 -30.43 -44.71
N THR D 42 6.74 -31.71 -44.30
CA THR D 42 7.30 -32.75 -45.15
C THR D 42 6.33 -33.02 -46.29
N SER D 43 5.04 -33.06 -45.98
CA SER D 43 4.10 -33.51 -46.98
C SER D 43 3.74 -32.40 -47.97
N LEU D 44 3.79 -31.13 -47.56
CA LEU D 44 3.48 -30.06 -48.51
C LEU D 44 4.76 -29.42 -49.05
N GLY D 45 5.91 -29.92 -48.63
CA GLY D 45 7.19 -29.42 -49.12
C GLY D 45 7.39 -27.95 -48.77
N LEU D 46 7.24 -27.62 -47.50
CA LEU D 46 7.33 -26.26 -47.01
C LEU D 46 8.41 -26.24 -45.97
N THR D 47 8.97 -25.07 -45.69
CA THR D 47 9.95 -24.97 -44.63
C THR D 47 9.23 -25.09 -43.29
N ARG D 48 9.96 -25.45 -42.25
CA ARG D 48 9.34 -25.67 -40.96
C ARG D 48 8.78 -24.32 -40.52
N GLY D 49 9.41 -23.24 -40.98
CA GLY D 49 9.03 -21.90 -40.59
C GLY D 49 7.70 -21.48 -41.21
N ALA D 50 7.46 -21.81 -42.49
CA ALA D 50 6.13 -21.56 -43.08
C ALA D 50 5.01 -22.16 -42.24
N VAL D 51 5.20 -23.43 -41.83
CA VAL D 51 4.16 -24.17 -41.14
C VAL D 51 3.94 -23.59 -39.75
N SER D 52 5.03 -23.16 -39.10
CA SER D 52 4.98 -22.53 -37.79
C SER D 52 4.17 -21.22 -37.85
N GLN D 53 4.38 -20.49 -38.93
CA GLN D 53 3.69 -19.24 -39.16
C GLN D 53 2.20 -19.52 -39.38
N ALA D 54 1.86 -20.59 -40.12
CA ALA D 54 0.48 -20.92 -40.42
C ALA D 54 -0.28 -21.18 -39.12
N VAL D 55 0.34 -21.97 -38.24
CA VAL D 55 -0.26 -22.37 -36.99
C VAL D 55 -0.45 -21.12 -36.15
N HIS D 56 0.54 -20.23 -36.23
CA HIS D 56 0.59 -19.07 -35.35
C HIS D 56 -0.55 -18.10 -35.71
N ARG D 57 -0.83 -17.94 -37.01
CA ARG D 57 -1.91 -17.09 -37.46
C ARG D 57 -3.20 -17.51 -36.74
N VAL D 58 -3.50 -18.80 -36.78
CA VAL D 58 -4.79 -19.30 -36.32
C VAL D 58 -4.82 -19.18 -34.79
N TRP D 59 -3.71 -19.55 -34.16
CA TRP D 59 -3.60 -19.48 -32.70
C TRP D 59 -3.80 -18.05 -32.18
N ALA D 60 -3.19 -17.09 -32.86
CA ALA D 60 -3.41 -15.68 -32.55
C ALA D 60 -4.89 -15.35 -32.65
N ALA D 61 -5.47 -15.65 -33.81
CA ALA D 61 -6.88 -15.42 -34.05
C ALA D 61 -7.68 -15.93 -32.87
N PHE D 62 -7.36 -17.14 -32.39
CA PHE D 62 -8.07 -17.67 -31.25
C PHE D 62 -7.96 -16.76 -30.03
N GLU D 63 -6.74 -16.36 -29.67
CA GLU D 63 -6.55 -15.55 -28.47
C GLU D 63 -7.28 -14.21 -28.59
N ASP D 64 -7.39 -13.69 -29.81
CA ASP D 64 -8.08 -12.44 -29.97
C ASP D 64 -9.58 -12.60 -29.68
N LYS D 65 -10.21 -13.66 -30.20
CA LYS D 65 -11.62 -13.89 -29.97
C LYS D 65 -11.89 -14.31 -28.51
N ASN D 66 -10.89 -14.86 -27.81
CA ASN D 66 -11.09 -15.41 -26.48
C ASN D 66 -11.01 -14.34 -25.38
N LEU D 67 -10.80 -13.07 -25.73
CA LEU D 67 -10.71 -12.01 -24.73
C LEU D 67 -12.08 -11.76 -24.13
N PRO D 68 -12.24 -11.54 -22.80
CA PRO D 68 -13.48 -11.04 -22.22
C PRO D 68 -13.86 -9.65 -22.75
N GLU D 69 -15.08 -9.21 -22.43
CA GLU D 69 -15.59 -7.96 -22.98
C GLU D 69 -14.89 -6.82 -22.24
N GLY D 70 -14.61 -5.75 -23.01
CA GLY D 70 -13.92 -4.56 -22.51
C GLY D 70 -12.43 -4.56 -22.83
N TYR D 71 -11.86 -5.76 -22.98
CA TYR D 71 -10.46 -5.85 -23.37
C TYR D 71 -10.35 -5.19 -24.74
N ALA D 72 -9.17 -4.62 -25.04
CA ALA D 72 -8.97 -3.78 -26.21
C ALA D 72 -7.49 -3.37 -26.27
N ARG D 73 -6.92 -3.36 -27.48
CA ARG D 73 -5.54 -2.97 -27.67
C ARG D 73 -5.50 -1.46 -27.54
N VAL D 74 -4.49 -0.97 -26.82
CA VAL D 74 -4.29 0.44 -26.67
C VAL D 74 -2.81 0.67 -26.90
N THR D 75 -2.49 1.85 -27.43
CA THR D 75 -1.10 2.21 -27.66
C THR D 75 -0.85 3.54 -26.99
N ALA D 76 0.29 3.62 -26.32
CA ALA D 76 0.65 4.89 -25.76
C ALA D 76 2.16 5.00 -25.59
N VAL D 77 2.55 6.25 -25.41
CA VAL D 77 3.90 6.63 -25.12
C VAL D 77 3.85 7.04 -23.67
N LEU D 78 4.55 6.25 -22.84
CA LEU D 78 4.51 6.42 -21.40
C LEU D 78 5.92 6.53 -20.84
N PRO D 79 6.07 7.18 -19.67
CA PRO D 79 7.28 7.07 -18.87
C PRO D 79 7.63 5.59 -18.74
N GLU D 80 8.92 5.30 -18.70
CA GLU D 80 9.38 3.93 -18.81
C GLU D 80 8.78 3.04 -17.74
N HIS D 81 8.67 3.53 -16.48
CA HIS D 81 8.20 2.68 -15.39
C HIS D 81 6.69 2.43 -15.48
N GLN D 82 5.92 3.35 -16.05
CA GLN D 82 4.52 3.06 -16.33
C GLN D 82 4.44 2.04 -17.46
N ALA D 83 5.41 2.08 -18.37
CA ALA D 83 5.48 1.07 -19.43
C ALA D 83 5.63 -0.31 -18.80
N TYR D 84 6.52 -0.44 -17.81
CA TYR D 84 6.75 -1.71 -17.13
C TYR D 84 5.42 -2.25 -16.56
N ILE D 85 4.68 -1.39 -15.86
CA ILE D 85 3.44 -1.82 -15.23
C ILE D 85 2.48 -2.30 -16.30
N VAL D 86 2.40 -1.57 -17.43
CA VAL D 86 1.44 -1.95 -18.45
C VAL D 86 1.80 -3.34 -18.95
N ARG D 87 3.10 -3.62 -19.02
CA ARG D 87 3.58 -4.94 -19.46
C ARG D 87 3.27 -5.99 -18.41
N LYS D 88 3.51 -5.70 -17.13
CA LYS D 88 3.11 -6.60 -16.06
C LYS D 88 1.62 -6.89 -16.13
N TRP D 89 0.79 -5.88 -16.42
CA TRP D 89 -0.64 -6.09 -16.54
C TRP D 89 -0.95 -7.10 -17.64
N GLU D 90 -0.21 -7.04 -18.74
CA GLU D 90 -0.53 -7.86 -19.89
C GLU D 90 -0.29 -9.32 -19.51
N ALA D 91 0.86 -9.57 -18.91
CA ALA D 91 1.24 -10.91 -18.50
C ALA D 91 0.16 -11.53 -17.63
N ASP D 92 -0.31 -10.80 -16.60
CA ASP D 92 -1.22 -11.35 -15.60
C ASP D 92 -2.53 -11.70 -16.32
N ALA D 93 -2.83 -10.91 -17.37
CA ALA D 93 -4.03 -11.09 -18.16
C ALA D 93 -3.89 -12.27 -19.12
N LYS D 94 -2.71 -12.45 -19.72
CA LYS D 94 -2.45 -13.61 -20.57
C LYS D 94 -2.64 -14.89 -19.75
N LYS D 95 -2.17 -14.88 -18.49
CA LYS D 95 -2.37 -16.04 -17.64
C LYS D 95 -3.85 -16.36 -17.43
N LYS D 96 -4.68 -15.33 -17.22
CA LYS D 96 -6.08 -15.57 -16.89
C LYS D 96 -6.81 -16.16 -18.10
N GLN D 97 -6.37 -15.79 -19.31
CA GLN D 97 -6.99 -16.28 -20.53
C GLN D 97 -6.55 -17.72 -20.81
N GLU D 98 -5.31 -18.05 -20.44
CA GLU D 98 -4.85 -19.42 -20.52
C GLU D 98 -5.71 -20.30 -19.61
N THR D 99 -6.09 -19.82 -18.42
CA THR D 99 -6.97 -20.58 -17.53
C THR D 99 -8.39 -20.69 -18.08
N LYS D 100 -8.89 -19.63 -18.74
CA LYS D 100 -10.23 -19.61 -19.35
C LYS D 100 -10.33 -20.63 -20.50
N ARG D 101 -9.30 -20.71 -21.36
CA ARG D 101 -9.28 -21.66 -22.46
C ARG D 101 -9.29 -23.12 -21.97
N LYS D 102 -8.39 -23.48 -21.05
CA LYS D 102 -8.29 -24.86 -20.58
C LYS D 102 -9.58 -25.29 -19.87
N LEU D 103 -10.39 -24.30 -19.47
CA LEU D 103 -11.66 -24.60 -18.80
C LEU D 103 -12.79 -24.84 -19.81
N ALA D 104 -12.87 -24.03 -20.88
CA ALA D 104 -13.83 -24.28 -21.93
C ALA D 104 -13.61 -25.70 -22.48
N ALA D 105 -12.34 -25.99 -22.80
CA ALA D 105 -11.94 -27.27 -23.38
C ALA D 105 -12.27 -28.41 -22.42
N ALA D 106 -12.14 -28.18 -21.10
CA ALA D 106 -12.41 -29.21 -20.11
C ALA D 106 -13.92 -29.45 -19.96
N LEU D 107 -14.75 -28.42 -20.17
CA LEU D 107 -16.21 -28.58 -20.25
C LEU D 107 -16.66 -29.29 -21.54
N GLU D 108 -15.74 -29.65 -22.45
CA GLU D 108 -16.05 -30.06 -23.81
C GLU D 108 -15.29 -31.37 -24.14
#